data_4L53
#
_entry.id   4L53
#
_cell.length_a   58.568
_cell.length_b   134.530
_cell.length_c   143.689
_cell.angle_alpha   90.00
_cell.angle_beta   90.00
_cell.angle_gamma   90.00
#
_symmetry.space_group_name_H-M   'I 2 2 2'
#
loop_
_entity.id
_entity.type
_entity.pdbx_description
1 polymer 'Mitogen-activated protein kinase kinase kinase 7, TGF-beta-activated kinase 1 and MAP3K7-binding protein 1 chimera'
2 non-polymer trans-4-{4-[7-amino-2-(1,2,3-benzothiadiazol-7-yl)-3-chlorofuro[2,3-c]pyridin-4-yl]-1H-pyrazol-1-yl}cyclohexanol
3 non-polymer 1,2-ETHANEDIOL
4 water water
#
_entity_poly.entity_id   1
_entity_poly.type   'polypeptide(L)'
_entity_poly.pdbx_seq_one_letter_code
;GSLHMIDYKEIEVEEVVGRGAFGVVCKAKWRAKDVAIKQIESESERKAFIVELRQLSRVNHPNIVKLYGACLNPVCLVME
YAEGGSLYNVLHGAEPLPYYTAAHAMSWCLQCSQGVAYLHSMQPKALIHRDLKPPNLLLVAGGTVLKICDFGTACDIQTH
MTNNKGSAAWMAPEVFEGSNYSEKCDVFSWGIILWEVITRRKPFDEIGGPAFRIMWAVHNGTRPPLIKNLPKPIESLMTR
CWSKDPSQRPSMEEIVKIMTHLMRYFPGADEPLQYPCQHSLPPGEDGRVEPYVDFAEFYRLWSVDHG
;
_entity_poly.pdbx_strand_id   A
#
loop_
_chem_comp.id
_chem_comp.type
_chem_comp.name
_chem_comp.formula
1UO non-polymer trans-4-{4-[7-amino-2-(1,2,3-benzothiadiazol-7-yl)-3-chlorofuro[2,3-c]pyridin-4-yl]-1H-pyrazol-1-yl}cyclohexanol 'C22 H19 Cl N6 O2 S'
EDO non-polymer 1,2-ETHANEDIOL 'C2 H6 O2'
#
# COMPACT_ATOMS: atom_id res chain seq x y z
N GLY A 1 13.46 -1.45 20.74
CA GLY A 1 14.04 -2.68 20.12
C GLY A 1 15.56 -2.56 19.92
N SER A 2 16.06 -3.18 18.86
CA SER A 2 17.50 -3.20 18.56
C SER A 2 17.79 -3.17 17.06
N LEU A 3 19.05 -2.91 16.70
CA LEU A 3 19.45 -2.82 15.30
C LEU A 3 20.84 -3.42 15.09
N HIS A 4 20.97 -4.24 14.06
CA HIS A 4 22.25 -4.83 13.65
C HIS A 4 23.09 -3.75 12.94
N MET A 5 24.29 -3.47 13.47
CA MET A 5 25.22 -2.54 12.82
C MET A 5 25.90 -3.23 11.63
N ILE A 6 26.02 -2.51 10.51
CA ILE A 6 26.57 -3.05 9.27
C ILE A 6 27.70 -2.15 8.79
N ASP A 7 28.80 -2.76 8.34
CA ASP A 7 29.90 -2.03 7.72
C ASP A 7 29.51 -1.71 6.27
N TYR A 8 29.56 -0.43 5.90
CA TYR A 8 29.23 0.02 4.53
C TYR A 8 30.13 -0.60 3.45
N LYS A 9 31.41 -0.80 3.76
CA LYS A 9 32.38 -1.45 2.87
C LYS A 9 31.97 -2.88 2.46
N GLU A 10 31.28 -3.58 3.37
CA GLU A 10 30.71 -4.90 3.08
C GLU A 10 29.48 -4.88 2.15
N ILE A 11 28.89 -3.70 1.92
CA ILE A 11 27.77 -3.53 0.98
C ILE A 11 28.30 -3.12 -0.41
N GLU A 12 27.72 -3.70 -1.46
CA GLU A 12 28.05 -3.41 -2.86
C GLU A 12 26.83 -2.83 -3.58
N VAL A 13 26.87 -1.54 -3.89
CA VAL A 13 25.72 -0.81 -4.43
C VAL A 13 25.59 -0.96 -5.95
N GLU A 14 24.48 -1.55 -6.39
CA GLU A 14 24.13 -1.66 -7.82
C GLU A 14 23.23 -0.45 -8.21
N GLU A 15 22.25 -0.66 -9.11
CA GLU A 15 21.46 0.44 -9.67
C GLU A 15 20.42 1.02 -8.71
N VAL A 16 20.11 2.30 -8.89
CA VAL A 16 19.06 2.97 -8.12
C VAL A 16 17.70 2.52 -8.63
N VAL A 17 16.78 2.21 -7.72
CA VAL A 17 15.52 1.53 -8.07
C VAL A 17 14.26 2.15 -7.43
N GLY A 18 14.36 3.33 -6.84
CA GLY A 18 13.23 3.95 -6.13
C GLY A 18 13.60 5.15 -5.28
N ARG A 19 12.58 5.93 -4.88
CA ARG A 19 12.78 7.20 -4.18
C ARG A 19 11.57 7.54 -3.30
N GLY A 20 11.77 7.49 -1.98
CA GLY A 20 10.68 7.71 -1.01
C GLY A 20 10.45 9.16 -0.66
N ALA A 21 9.84 9.38 0.52
CA ALA A 21 9.60 10.72 1.08
C ALA A 21 10.93 11.51 1.26
N PHE A 22 11.96 10.80 1.72
CA PHE A 22 13.33 11.32 1.73
C PHE A 22 14.32 10.18 1.44
N GLY A 23 15.51 10.56 0.97
CA GLY A 23 16.54 9.59 0.62
C GLY A 23 16.31 8.98 -0.75
N VAL A 24 17.09 7.95 -1.06
CA VAL A 24 17.05 7.27 -2.36
C VAL A 24 17.35 5.77 -2.16
N VAL A 25 16.47 4.91 -2.67
CA VAL A 25 16.57 3.46 -2.48
C VAL A 25 17.25 2.82 -3.69
N CYS A 26 18.21 1.92 -3.42
CA CYS A 26 18.98 1.23 -4.47
C CYS A 26 19.06 -0.29 -4.23
N LYS A 27 19.17 -1.05 -5.32
CA LYS A 27 19.52 -2.48 -5.27
C LYS A 27 20.98 -2.64 -4.84
N ALA A 28 21.28 -3.72 -4.13
CA ALA A 28 22.63 -3.96 -3.62
C ALA A 28 22.86 -5.42 -3.21
N LYS A 29 24.10 -5.72 -2.81
CA LYS A 29 24.50 -7.05 -2.33
C LYS A 29 25.14 -6.94 -0.95
N TRP A 30 24.94 -7.97 -0.11
CA TRP A 30 25.51 -8.02 1.24
C TRP A 30 25.49 -9.43 1.83
N ARG A 31 26.68 -9.98 2.08
CA ARG A 31 26.84 -11.24 2.84
C ARG A 31 26.08 -12.42 2.19
N ALA A 32 26.29 -12.59 0.88
CA ALA A 32 25.66 -13.66 0.09
C ALA A 32 24.13 -13.56 0.05
N LYS A 33 23.62 -12.34 -0.12
CA LYS A 33 22.18 -12.10 -0.20
C LYS A 33 21.87 -10.86 -1.04
N ASP A 34 20.75 -10.91 -1.77
CA ASP A 34 20.22 -9.75 -2.48
C ASP A 34 19.52 -8.85 -1.47
N VAL A 35 19.74 -7.54 -1.58
CA VAL A 35 19.32 -6.56 -0.56
C VAL A 35 19.01 -5.19 -1.19
N ALA A 36 18.09 -4.45 -0.56
CA ALA A 36 17.82 -3.05 -0.92
C ALA A 36 18.35 -2.13 0.17
N ILE A 37 19.20 -1.17 -0.20
CA ILE A 37 19.71 -0.14 0.74
C ILE A 37 19.04 1.20 0.47
N LYS A 38 19.07 2.08 1.47
CA LYS A 38 18.46 3.40 1.39
C LYS A 38 19.38 4.45 1.99
N GLN A 39 20.14 5.15 1.13
CA GLN A 39 21.14 6.13 1.57
C GLN A 39 20.57 7.55 1.65
N ILE A 40 21.22 8.40 2.45
CA ILE A 40 20.87 9.83 2.52
C ILE A 40 21.35 10.59 1.29
N GLU A 41 20.53 11.50 0.79
CA GLU A 41 20.89 12.41 -0.31
C GLU A 41 21.65 13.64 0.21
N SER A 42 21.23 14.13 1.37
CA SER A 42 21.84 15.30 2.01
C SER A 42 21.86 15.18 3.53
N GLU A 43 22.63 16.06 4.17
CA GLU A 43 22.71 16.14 5.64
C GLU A 43 21.44 16.71 6.29
N SER A 44 20.65 17.46 5.51
CA SER A 44 19.39 18.06 5.98
C SER A 44 18.36 17.03 6.44
N GLU A 45 18.35 15.87 5.77
CA GLU A 45 17.40 14.78 6.07
C GLU A 45 18.04 13.65 6.90
N ARG A 46 18.97 14.00 7.79
CA ARG A 46 19.60 13.04 8.70
C ARG A 46 18.66 12.73 9.87
N LYS A 47 18.09 13.78 10.48
CA LYS A 47 17.20 13.65 11.63
C LYS A 47 15.93 12.84 11.33
N ALA A 48 15.40 12.97 10.11
CA ALA A 48 14.28 12.15 9.66
C ALA A 48 14.67 10.67 9.54
N PHE A 49 15.86 10.43 8.98
CA PHE A 49 16.38 9.05 8.79
C PHE A 49 16.65 8.34 10.11
N ILE A 50 17.03 9.09 11.15
CA ILE A 50 17.26 8.52 12.49
C ILE A 50 15.94 8.14 13.19
N VAL A 51 14.93 9.01 13.12
CA VAL A 51 13.60 8.69 13.68
C VAL A 51 12.97 7.46 13.00
N GLU A 52 13.12 7.36 11.68
CA GLU A 52 12.72 6.16 10.92
C GLU A 52 13.45 4.91 11.41
N LEU A 53 14.75 5.04 11.69
CA LEU A 53 15.57 3.95 12.20
C LEU A 53 15.09 3.50 13.60
N ARG A 54 14.77 4.47 14.46
CA ARG A 54 14.26 4.21 15.81
C ARG A 54 12.90 3.50 15.82
N GLN A 55 12.05 3.84 14.85
CA GLN A 55 10.75 3.17 14.70
C GLN A 55 10.90 1.76 14.12
N LEU A 56 11.65 1.65 13.01
CA LEU A 56 11.91 0.36 12.35
C LEU A 56 12.58 -0.67 13.27
N SER A 57 13.42 -0.22 14.20
CA SER A 57 14.05 -1.10 15.19
C SER A 57 13.02 -1.77 16.12
N ARG A 58 11.90 -1.10 16.35
CA ARG A 58 10.82 -1.60 17.22
C ARG A 58 9.79 -2.49 16.52
N VAL A 59 9.51 -2.24 15.24
CA VAL A 59 8.48 -2.99 14.50
C VAL A 59 8.93 -4.39 14.10
N ASN A 60 8.01 -5.35 14.15
CA ASN A 60 8.29 -6.73 13.73
C ASN A 60 7.00 -7.50 13.37
N HIS A 61 6.73 -7.59 12.07
CA HIS A 61 5.46 -8.12 11.57
C HIS A 61 5.62 -8.64 10.13
N PRO A 62 4.96 -9.77 9.78
CA PRO A 62 5.19 -10.35 8.45
C PRO A 62 4.90 -9.43 7.25
N ASN A 63 4.01 -8.44 7.43
CA ASN A 63 3.63 -7.51 6.37
C ASN A 63 4.26 -6.13 6.47
N ILE A 64 5.44 -6.07 7.05
CA ILE A 64 6.26 -4.87 7.08
C ILE A 64 7.66 -5.29 6.65
N VAL A 65 8.31 -4.49 5.80
CA VAL A 65 9.65 -4.81 5.28
C VAL A 65 10.62 -5.17 6.40
N LYS A 66 11.28 -6.32 6.24
CA LYS A 66 12.36 -6.72 7.14
C LYS A 66 13.54 -5.74 6.95
N LEU A 67 13.99 -5.18 8.06
CA LEU A 67 15.19 -4.35 8.13
C LEU A 67 16.31 -5.26 8.68
N TYR A 68 17.27 -5.62 7.83
CA TYR A 68 18.40 -6.44 8.28
C TYR A 68 19.25 -5.65 9.27
N GLY A 69 19.64 -4.45 8.89
CA GLY A 69 20.44 -3.59 9.76
C GLY A 69 20.58 -2.18 9.24
N ALA A 70 21.52 -1.43 9.83
CA ALA A 70 21.83 -0.07 9.38
C ALA A 70 23.32 0.23 9.48
N CYS A 71 23.75 1.21 8.69
CA CYS A 71 25.08 1.81 8.78
C CYS A 71 24.94 3.21 9.34
N LEU A 72 25.96 3.67 10.06
CA LEU A 72 25.98 5.00 10.68
C LEU A 72 26.85 6.02 9.93
N ASN A 73 27.86 5.54 9.19
CA ASN A 73 28.73 6.40 8.36
C ASN A 73 29.12 5.69 7.06
N PRO A 74 28.47 6.03 5.92
CA PRO A 74 27.32 6.92 5.74
C PRO A 74 26.04 6.31 6.31
N VAL A 75 25.04 7.15 6.52
CA VAL A 75 23.78 6.72 7.12
C VAL A 75 22.94 6.00 6.07
N CYS A 76 22.61 4.72 6.31
CA CYS A 76 21.71 3.95 5.43
C CYS A 76 21.04 2.74 6.09
N LEU A 77 19.82 2.44 5.65
CA LEU A 77 19.05 1.28 6.13
C LEU A 77 19.21 0.12 5.15
N VAL A 78 19.52 -1.07 5.65
CA VAL A 78 19.65 -2.29 4.84
C VAL A 78 18.37 -3.13 4.97
N MET A 79 17.64 -3.28 3.86
CA MET A 79 16.33 -3.94 3.85
C MET A 79 16.34 -5.17 2.98
N GLU A 80 15.27 -5.95 3.06
CA GLU A 80 15.06 -7.09 2.17
C GLU A 80 14.79 -6.59 0.76
N TYR A 81 15.31 -7.29 -0.24
CA TYR A 81 15.01 -7.00 -1.62
C TYR A 81 13.64 -7.58 -1.94
N ALA A 82 12.65 -6.70 -2.14
CA ALA A 82 11.33 -7.11 -2.57
C ALA A 82 11.44 -7.48 -4.03
N GLU A 83 11.47 -8.78 -4.29
CA GLU A 83 11.62 -9.34 -5.66
C GLU A 83 10.65 -8.69 -6.65
N GLY A 84 9.37 -8.68 -6.26
CA GLY A 84 8.27 -8.25 -7.13
C GLY A 84 8.11 -6.77 -7.39
N GLY A 85 8.94 -5.91 -6.78
CA GLY A 85 8.83 -4.45 -6.94
C GLY A 85 7.63 -3.89 -6.18
N SER A 86 7.22 -2.67 -6.51
CA SER A 86 6.08 -2.03 -5.85
C SER A 86 4.75 -2.53 -6.41
N LEU A 87 3.69 -2.41 -5.62
CA LEU A 87 2.35 -2.71 -6.11
C LEU A 87 1.98 -1.79 -7.26
N TYR A 88 2.33 -0.49 -7.13
CA TYR A 88 2.08 0.50 -8.20
C TYR A 88 2.58 -0.02 -9.54
N ASN A 89 3.81 -0.53 -9.56
CA ASN A 89 4.42 -1.04 -10.79
C ASN A 89 3.73 -2.31 -11.34
N VAL A 90 3.24 -3.17 -10.44
CA VAL A 90 2.48 -4.36 -10.83
C VAL A 90 1.12 -4.00 -11.43
N LEU A 91 0.45 -3.03 -10.81
CA LEU A 91 -0.84 -2.57 -11.33
C LEU A 91 -0.73 -1.75 -12.62
N HIS A 92 0.19 -0.79 -12.65
CA HIS A 92 0.21 0.28 -13.67
C HIS A 92 1.49 0.39 -14.49
N GLY A 93 2.50 -0.43 -14.20
CA GLY A 93 3.83 -0.26 -14.78
C GLY A 93 3.97 -0.64 -16.24
N ALA A 94 5.22 -0.80 -16.68
CA ALA A 94 5.53 -1.13 -18.06
C ALA A 94 5.05 -2.54 -18.42
N GLU A 95 4.51 -2.68 -19.63
CA GLU A 95 4.08 -3.97 -20.15
C GLU A 95 5.32 -4.82 -20.42
N PRO A 96 5.21 -6.17 -20.30
CA PRO A 96 4.01 -6.93 -20.02
C PRO A 96 3.63 -6.87 -18.55
N LEU A 97 2.36 -6.57 -18.28
CA LEU A 97 1.84 -6.56 -16.94
C LEU A 97 1.38 -7.98 -16.60
N PRO A 98 1.39 -8.35 -15.31
CA PRO A 98 0.87 -9.66 -14.93
C PRO A 98 -0.65 -9.70 -14.76
N TYR A 99 -1.24 -10.84 -15.11
CA TYR A 99 -2.63 -11.15 -14.76
C TYR A 99 -2.73 -11.36 -13.25
N TYR A 100 -3.78 -10.83 -12.65
CA TYR A 100 -4.13 -11.14 -11.27
C TYR A 100 -5.65 -11.24 -11.08
N THR A 101 -6.03 -11.89 -9.99
CA THR A 101 -7.40 -12.31 -9.75
C THR A 101 -8.00 -11.50 -8.61
N ALA A 102 -9.33 -11.52 -8.49
CA ALA A 102 -10.01 -10.94 -7.31
C ALA A 102 -9.41 -11.41 -5.99
N ALA A 103 -8.98 -12.67 -5.95
CA ALA A 103 -8.35 -13.26 -4.75
C ALA A 103 -7.03 -12.58 -4.40
N HIS A 104 -6.25 -12.20 -5.41
CA HIS A 104 -5.01 -11.46 -5.20
C HIS A 104 -5.34 -10.07 -4.70
N ALA A 105 -6.32 -9.42 -5.31
CA ALA A 105 -6.76 -8.07 -4.92
C ALA A 105 -7.14 -8.00 -3.46
N MET A 106 -7.99 -8.94 -3.02
CA MET A 106 -8.44 -8.96 -1.64
C MET A 106 -7.33 -9.39 -0.66
N SER A 107 -6.47 -10.33 -1.06
CA SER A 107 -5.37 -10.78 -0.21
C SER A 107 -4.39 -9.63 0.04
N TRP A 108 -4.02 -8.93 -1.03
CA TRP A 108 -3.17 -7.73 -0.92
C TRP A 108 -3.75 -6.71 0.07
N CYS A 109 -5.02 -6.38 -0.09
CA CYS A 109 -5.67 -5.44 0.81
C CYS A 109 -5.77 -5.94 2.25
N LEU A 110 -5.96 -7.24 2.44
CA LEU A 110 -5.98 -7.82 3.80
C LEU A 110 -4.62 -7.68 4.46
N GLN A 111 -3.57 -7.98 3.70
CA GLN A 111 -2.20 -7.92 4.21
C GLN A 111 -1.78 -6.48 4.58
N CYS A 112 -2.22 -5.53 3.79
CA CYS A 112 -1.97 -4.12 4.09
C CYS A 112 -2.62 -3.71 5.41
N SER A 113 -3.91 -4.06 5.55
CA SER A 113 -4.65 -3.78 6.79
C SER A 113 -4.06 -4.50 8.00
N GLN A 114 -3.54 -5.70 7.80
CA GLN A 114 -2.86 -6.43 8.89
C GLN A 114 -1.62 -5.67 9.41
N GLY A 115 -0.85 -5.13 8.49
CA GLY A 115 0.33 -4.33 8.82
C GLY A 115 -0.02 -2.99 9.45
N VAL A 116 -0.95 -2.27 8.84
CA VAL A 116 -1.37 -0.98 9.40
C VAL A 116 -1.99 -1.15 10.80
N ALA A 117 -2.81 -2.19 10.99
CA ALA A 117 -3.37 -2.53 12.32
C ALA A 117 -2.31 -2.77 13.40
N TYR A 118 -1.20 -3.40 13.02
CA TYR A 118 -0.07 -3.60 13.94
C TYR A 118 0.54 -2.26 14.39
N LEU A 119 0.74 -1.36 13.43
CA LEU A 119 1.25 -0.01 13.72
C LEU A 119 0.28 0.80 14.57
N HIS A 120 -1.01 0.71 14.27
CA HIS A 120 -2.03 1.41 15.06
C HIS A 120 -2.17 0.86 16.50
N SER A 121 -1.75 -0.39 16.73
CA SER A 121 -1.80 -1.01 18.07
C SER A 121 -0.51 -0.88 18.88
N MET A 122 0.48 -0.18 18.32
CA MET A 122 1.78 0.02 18.96
C MET A 122 1.61 0.75 20.29
N GLN A 123 2.34 0.29 21.30
CA GLN A 123 2.35 0.93 22.62
C GLN A 123 3.75 1.51 22.92
N PRO A 124 3.84 2.63 23.66
CA PRO A 124 2.76 3.45 24.26
C PRO A 124 1.92 4.29 23.27
N LYS A 125 2.56 4.87 22.25
CA LYS A 125 1.86 5.70 21.26
C LYS A 125 1.77 5.00 19.90
N ALA A 126 0.61 5.11 19.27
CA ALA A 126 0.35 4.46 17.99
C ALA A 126 1.20 5.09 16.87
N LEU A 127 1.64 4.23 15.94
CA LEU A 127 2.34 4.67 14.71
C LEU A 127 1.33 4.84 13.59
N ILE A 128 1.18 6.06 13.11
CA ILE A 128 0.36 6.37 11.94
C ILE A 128 1.28 6.41 10.72
N HIS A 129 0.92 5.73 9.64
CA HIS A 129 1.72 5.70 8.41
C HIS A 129 1.74 7.08 7.74
N ARG A 130 0.54 7.65 7.57
CA ARG A 130 0.32 9.00 7.00
C ARG A 130 0.53 9.12 5.46
N ASP A 131 1.02 8.06 4.82
CA ASP A 131 1.39 8.09 3.40
C ASP A 131 1.19 6.72 2.73
N LEU A 132 0.04 6.10 3.00
CA LEU A 132 -0.25 4.76 2.50
C LEU A 132 -0.70 4.86 1.05
N LYS A 133 0.03 4.19 0.17
CA LYS A 133 -0.22 4.24 -1.27
C LYS A 133 0.56 3.14 -1.97
N PRO A 134 0.08 2.67 -3.13
CA PRO A 134 0.72 1.52 -3.77
C PRO A 134 2.20 1.60 -4.11
N PRO A 135 2.75 2.82 -4.34
CA PRO A 135 4.22 2.91 -4.46
C PRO A 135 5.04 2.55 -3.20
N ASN A 136 4.38 2.54 -2.03
CA ASN A 136 5.00 2.15 -0.76
C ASN A 136 4.64 0.72 -0.31
N LEU A 137 3.90 0.00 -1.15
CA LEU A 137 3.53 -1.40 -0.88
C LEU A 137 4.34 -2.30 -1.80
N LEU A 138 5.28 -3.05 -1.22
CA LEU A 138 6.14 -3.96 -1.97
C LEU A 138 5.57 -5.38 -1.96
N LEU A 139 5.90 -6.16 -2.99
CA LEU A 139 5.43 -7.54 -3.15
C LEU A 139 6.61 -8.52 -3.18
N VAL A 140 6.46 -9.64 -2.47
CA VAL A 140 7.44 -10.73 -2.47
C VAL A 140 6.72 -12.05 -2.73
N ALA A 141 7.46 -13.16 -2.75
CA ALA A 141 6.89 -14.51 -2.88
C ALA A 141 5.98 -14.65 -4.11
N GLY A 142 6.56 -14.38 -5.29
CA GLY A 142 5.84 -14.42 -6.55
C GLY A 142 4.64 -13.48 -6.68
N GLY A 143 4.64 -12.38 -5.92
CA GLY A 143 3.54 -11.42 -5.94
C GLY A 143 2.38 -11.68 -4.98
N THR A 144 2.52 -12.70 -4.13
CA THR A 144 1.44 -13.13 -3.20
C THR A 144 1.53 -12.49 -1.81
N VAL A 145 2.73 -12.13 -1.36
CA VAL A 145 2.91 -11.53 -0.03
C VAL A 145 3.18 -10.02 -0.15
N LEU A 146 2.48 -9.22 0.64
CA LEU A 146 2.61 -7.75 0.56
C LEU A 146 3.26 -7.22 1.83
N LYS A 147 4.04 -6.16 1.66
CA LYS A 147 4.78 -5.53 2.76
C LYS A 147 4.77 -4.02 2.64
N ILE A 148 4.51 -3.37 3.77
CA ILE A 148 4.50 -1.91 3.90
C ILE A 148 5.91 -1.40 4.15
N CYS A 149 6.25 -0.27 3.53
CA CYS A 149 7.52 0.44 3.81
C CYS A 149 7.31 1.95 3.82
N ASP A 150 8.39 2.69 4.07
CA ASP A 150 8.40 4.17 4.05
C ASP A 150 7.40 4.80 5.03
N PHE A 151 7.25 4.17 6.20
CA PHE A 151 6.19 4.54 7.16
C PHE A 151 6.72 5.43 8.28
N GLY A 152 5.83 6.25 8.85
CA GLY A 152 6.19 7.28 9.83
C GLY A 152 6.11 8.66 9.19
N THR A 153 7.05 8.93 8.28
CA THR A 153 7.07 10.14 7.44
C THR A 153 7.24 11.41 8.28
N LYS A 165 4.06 14.42 -0.84
CA LYS A 165 4.16 14.90 -2.22
C LYS A 165 3.87 13.77 -3.22
N GLY A 166 3.08 14.08 -4.25
CA GLY A 166 2.61 13.08 -5.23
C GLY A 166 1.60 12.08 -4.68
N SER A 167 1.05 12.38 -3.50
CA SER A 167 0.23 11.45 -2.72
C SER A 167 -1.24 11.86 -2.61
N ALA A 168 -1.62 13.01 -3.17
CA ALA A 168 -2.95 13.61 -2.97
C ALA A 168 -4.12 12.67 -3.23
N ALA A 169 -3.98 11.80 -4.22
CA ALA A 169 -5.02 10.86 -4.61
C ALA A 169 -5.43 9.84 -3.53
N TRP A 170 -4.51 9.54 -2.61
CA TRP A 170 -4.74 8.60 -1.50
C TRP A 170 -4.84 9.25 -0.11
N MET A 171 -4.81 10.57 -0.06
CA MET A 171 -4.64 11.31 1.19
C MET A 171 -5.99 11.80 1.69
N ALA A 172 -6.23 11.64 3.00
CA ALA A 172 -7.53 11.95 3.61
C ALA A 172 -7.74 13.48 3.71
N PRO A 173 -8.96 13.96 3.43
CA PRO A 173 -9.26 15.41 3.40
C PRO A 173 -8.77 16.20 4.61
N GLU A 174 -8.92 15.64 5.80
CA GLU A 174 -8.48 16.30 7.04
C GLU A 174 -6.98 16.52 7.13
N VAL A 175 -6.19 15.72 6.39
CA VAL A 175 -4.75 15.94 6.27
C VAL A 175 -4.40 17.18 5.41
N PHE A 176 -5.11 17.42 4.30
CA PHE A 176 -4.89 18.65 3.47
C PHE A 176 -5.17 19.88 4.28
N GLU A 177 -6.28 19.82 5.03
CA GLU A 177 -6.81 20.98 5.75
C GLU A 177 -5.96 21.43 6.93
N GLY A 178 -4.89 20.69 7.26
CA GLY A 178 -4.08 20.96 8.44
C GLY A 178 -4.82 20.73 9.75
N SER A 179 -5.94 20.00 9.69
CA SER A 179 -6.79 19.77 10.85
C SER A 179 -6.15 18.68 11.70
N ASN A 180 -6.46 18.70 12.99
CA ASN A 180 -6.08 17.60 13.88
C ASN A 180 -6.59 16.30 13.26
N TYR A 181 -5.66 15.40 12.95
CA TYR A 181 -5.99 14.12 12.32
C TYR A 181 -5.51 12.96 13.20
N SER A 182 -5.83 11.73 12.78
CA SER A 182 -5.61 10.53 13.58
C SER A 182 -5.25 9.30 12.73
N GLU A 183 -5.21 8.14 13.38
CA GLU A 183 -5.13 6.80 12.73
C GLU A 183 -6.04 6.66 11.51
N LYS A 184 -7.23 7.27 11.58
CA LYS A 184 -8.25 7.12 10.55
C LYS A 184 -7.86 7.67 9.18
N CYS A 185 -6.80 8.46 9.07
CA CYS A 185 -6.30 8.91 7.78
C CYS A 185 -5.77 7.75 6.92
N ASP A 186 -5.15 6.76 7.58
CA ASP A 186 -4.72 5.50 6.92
C ASP A 186 -5.89 4.62 6.44
N VAL A 187 -7.01 4.67 7.15
CA VAL A 187 -8.20 3.91 6.75
C VAL A 187 -8.76 4.45 5.42
N PHE A 188 -8.78 5.79 5.29
CA PHE A 188 -9.13 6.44 4.02
C PHE A 188 -8.24 5.98 2.86
N SER A 189 -6.94 6.07 3.07
CA SER A 189 -5.98 5.63 2.07
C SER A 189 -6.24 4.19 1.65
N TRP A 190 -6.47 3.33 2.63
CA TRP A 190 -6.75 1.93 2.38
C TRP A 190 -8.00 1.74 1.51
N GLY A 191 -9.05 2.49 1.83
CA GLY A 191 -10.26 2.51 1.01
C GLY A 191 -9.98 2.76 -0.45
N ILE A 192 -9.19 3.81 -0.73
CA ILE A 192 -8.79 4.19 -2.10
C ILE A 192 -7.94 3.06 -2.73
N ILE A 193 -7.06 2.44 -1.96
CA ILE A 193 -6.25 1.33 -2.48
C ILE A 193 -7.10 0.13 -2.91
N LEU A 194 -8.16 -0.16 -2.15
CA LEU A 194 -9.09 -1.25 -2.46
C LEU A 194 -9.77 -1.03 -3.81
N TRP A 195 -10.21 0.20 -4.06
CA TRP A 195 -10.79 0.59 -5.34
C TRP A 195 -9.78 0.39 -6.47
N GLU A 196 -8.54 0.77 -6.19
CA GLU A 196 -7.49 0.75 -7.20
C GLU A 196 -7.14 -0.67 -7.63
N VAL A 197 -6.98 -1.59 -6.68
CA VAL A 197 -6.66 -3.00 -7.04
C VAL A 197 -7.84 -3.72 -7.72
N ILE A 198 -9.08 -3.38 -7.33
CA ILE A 198 -10.27 -3.97 -7.95
C ILE A 198 -10.46 -3.50 -9.40
N THR A 199 -10.30 -2.19 -9.62
CA THR A 199 -10.44 -1.57 -10.94
C THR A 199 -9.19 -1.62 -11.81
N ARG A 200 -8.02 -1.78 -11.19
CA ARG A 200 -6.73 -1.57 -11.85
C ARG A 200 -6.61 -0.17 -12.51
N ARG A 201 -7.19 0.86 -11.87
CA ARG A 201 -7.14 2.24 -12.38
C ARG A 201 -6.45 3.17 -11.40
N LYS A 202 -5.70 4.13 -11.91
CA LYS A 202 -5.15 5.19 -11.07
C LYS A 202 -6.32 6.05 -10.61
N PRO A 203 -6.48 6.24 -9.29
CA PRO A 203 -7.55 7.11 -8.84
C PRO A 203 -7.28 8.58 -9.18
N PHE A 204 -8.34 9.26 -9.66
CA PHE A 204 -8.30 10.67 -10.06
C PHE A 204 -7.33 10.96 -11.21
N ASP A 205 -7.12 9.98 -12.07
CA ASP A 205 -6.26 10.15 -13.23
C ASP A 205 -6.89 11.11 -14.23
N GLU A 206 -8.22 11.10 -14.34
CA GLU A 206 -8.95 11.97 -15.28
C GLU A 206 -9.06 13.43 -14.82
N ILE A 207 -8.97 13.68 -13.51
CA ILE A 207 -8.88 15.05 -12.98
C ILE A 207 -7.54 15.65 -13.40
N GLY A 208 -6.45 14.97 -13.03
CA GLY A 208 -5.11 15.37 -13.44
C GLY A 208 -4.68 16.73 -12.92
N GLY A 209 -3.85 17.43 -13.69
CA GLY A 209 -3.28 18.72 -13.30
C GLY A 209 -2.39 18.59 -12.08
N PRO A 210 -2.05 19.73 -11.43
CA PRO A 210 -1.30 19.67 -10.17
C PRO A 210 -2.12 19.18 -8.97
N ALA A 211 -1.40 18.87 -7.89
CA ALA A 211 -1.97 18.27 -6.66
C ALA A 211 -3.15 19.03 -6.06
N PHE A 212 -3.14 20.36 -6.14
CA PHE A 212 -4.23 21.17 -5.56
C PHE A 212 -5.62 20.91 -6.18
N ARG A 213 -5.65 20.43 -7.41
CA ARG A 213 -6.90 20.19 -8.13
C ARG A 213 -7.61 18.93 -7.62
N ILE A 214 -6.84 17.89 -7.33
CA ILE A 214 -7.37 16.69 -6.67
C ILE A 214 -7.82 17.03 -5.22
N MET A 215 -7.03 17.84 -4.53
CA MET A 215 -7.34 18.24 -3.15
C MET A 215 -8.64 19.03 -3.06
N TRP A 216 -8.90 19.90 -4.02
CA TRP A 216 -10.17 20.64 -4.06
C TRP A 216 -11.31 19.66 -4.33
N ALA A 217 -11.11 18.77 -5.29
CA ALA A 217 -12.10 17.76 -5.66
C ALA A 217 -12.53 16.90 -4.45
N VAL A 218 -11.55 16.21 -3.85
CA VAL A 218 -11.79 15.36 -2.67
C VAL A 218 -12.36 16.11 -1.46
N HIS A 219 -11.95 17.36 -1.30
CA HIS A 219 -12.48 18.25 -0.25
C HIS A 219 -13.96 18.63 -0.48
N ASN A 220 -14.38 18.66 -1.75
CA ASN A 220 -15.76 18.94 -2.13
C ASN A 220 -16.66 17.72 -2.22
N GLY A 221 -16.15 16.56 -1.80
CA GLY A 221 -16.94 15.33 -1.77
C GLY A 221 -16.68 14.32 -2.88
N THR A 222 -15.76 14.64 -3.81
CA THR A 222 -15.46 13.75 -4.92
C THR A 222 -14.76 12.49 -4.42
N ARG A 223 -15.16 11.36 -4.96
CA ARG A 223 -14.57 10.06 -4.64
C ARG A 223 -14.52 9.28 -5.95
N PRO A 224 -13.76 8.17 -5.98
CA PRO A 224 -13.71 7.39 -7.22
C PRO A 224 -15.08 6.84 -7.60
N PRO A 225 -15.33 6.62 -8.89
CA PRO A 225 -16.66 6.12 -9.26
C PRO A 225 -16.96 4.74 -8.70
N LEU A 226 -18.23 4.47 -8.48
CA LEU A 226 -18.67 3.15 -8.02
C LEU A 226 -18.38 2.11 -9.09
N ILE A 227 -18.21 0.87 -8.64
CA ILE A 227 -17.80 -0.23 -9.52
C ILE A 227 -18.98 -1.12 -9.86
N LYS A 228 -19.24 -1.31 -11.15
CA LYS A 228 -20.35 -2.15 -11.62
C LYS A 228 -20.19 -3.57 -11.09
N ASN A 229 -21.27 -4.12 -10.55
CA ASN A 229 -21.30 -5.50 -10.05
C ASN A 229 -20.45 -5.81 -8.80
N LEU A 230 -19.97 -4.78 -8.11
CA LEU A 230 -19.21 -4.97 -6.87
C LEU A 230 -20.14 -5.53 -5.79
N PRO A 231 -19.76 -6.64 -5.13
CA PRO A 231 -20.59 -7.15 -4.03
C PRO A 231 -20.86 -6.10 -2.95
N LYS A 232 -22.12 -6.02 -2.50
CA LYS A 232 -22.55 -5.03 -1.50
C LYS A 232 -21.71 -4.98 -0.19
N PRO A 233 -21.33 -6.15 0.36
CA PRO A 233 -20.46 -6.13 1.53
C PRO A 233 -19.14 -5.40 1.32
N ILE A 234 -18.52 -5.58 0.16
CA ILE A 234 -17.27 -4.91 -0.19
C ILE A 234 -17.51 -3.41 -0.50
N GLU A 235 -18.57 -3.09 -1.23
CA GLU A 235 -18.96 -1.69 -1.48
C GLU A 235 -19.27 -0.91 -0.21
N SER A 236 -19.85 -1.59 0.76
CA SER A 236 -20.17 -0.98 2.05
C SER A 236 -18.88 -0.62 2.81
N LEU A 237 -17.90 -1.52 2.81
CA LEU A 237 -16.64 -1.27 3.53
C LEU A 237 -15.83 -0.17 2.86
N MET A 238 -15.67 -0.28 1.55
CA MET A 238 -15.00 0.72 0.73
C MET A 238 -15.54 2.14 0.96
N THR A 239 -16.86 2.31 0.85
CA THR A 239 -17.45 3.65 0.99
C THR A 239 -17.46 4.18 2.42
N ARG A 240 -17.53 3.31 3.43
CA ARG A 240 -17.34 3.74 4.84
C ARG A 240 -15.92 4.27 5.08
N CYS A 241 -14.92 3.60 4.48
CA CYS A 241 -13.53 4.04 4.58
C CYS A 241 -13.27 5.45 4.04
N TRP A 242 -14.01 5.89 3.02
N TRP A 242 -14.07 5.82 3.03
CA TRP A 242 -13.76 7.24 2.50
CA TRP A 242 -14.03 7.10 2.31
C TRP A 242 -14.85 8.25 2.86
C TRP A 242 -14.68 8.31 2.96
N SER A 243 -15.40 8.13 4.07
CA SER A 243 -16.27 9.20 4.65
C SER A 243 -15.50 10.49 4.93
N LYS A 244 -16.17 11.63 4.79
CA LYS A 244 -15.61 12.92 5.16
C LYS A 244 -15.22 12.88 6.63
N ASP A 245 -16.18 12.49 7.47
CA ASP A 245 -16.01 12.42 8.91
C ASP A 245 -15.15 11.20 9.28
N PRO A 246 -13.93 11.42 9.83
CA PRO A 246 -13.08 10.28 10.19
C PRO A 246 -13.65 9.35 11.27
N SER A 247 -14.54 9.86 12.13
CA SER A 247 -15.17 9.02 13.16
C SER A 247 -16.17 8.00 12.61
N GLN A 248 -16.67 8.22 11.39
CA GLN A 248 -17.55 7.27 10.68
C GLN A 248 -16.80 6.17 9.94
N ARG A 249 -15.46 6.27 9.84
CA ARG A 249 -14.65 5.23 9.21
C ARG A 249 -14.39 4.11 10.20
N PRO A 250 -14.31 2.87 9.73
CA PRO A 250 -13.95 1.79 10.64
C PRO A 250 -12.48 1.82 11.04
N SER A 251 -12.18 1.31 12.23
CA SER A 251 -10.80 1.04 12.64
C SER A 251 -10.17 0.00 11.73
N MET A 252 -8.85 -0.04 11.74
CA MET A 252 -8.12 -1.01 10.91
C MET A 252 -8.31 -2.42 11.48
N GLU A 253 -8.47 -2.54 12.80
CA GLU A 253 -8.83 -3.83 13.42
C GLU A 253 -10.15 -4.41 12.91
N GLU A 254 -11.15 -3.56 12.70
CA GLU A 254 -12.42 -4.00 12.11
C GLU A 254 -12.24 -4.42 10.65
N ILE A 255 -11.44 -3.67 9.89
CA ILE A 255 -11.15 -4.02 8.49
C ILE A 255 -10.45 -5.38 8.38
N VAL A 256 -9.52 -5.66 9.28
CA VAL A 256 -8.83 -6.95 9.28
C VAL A 256 -9.80 -8.09 9.49
N LYS A 257 -10.66 -7.98 10.49
CA LYS A 257 -11.69 -9.01 10.78
C LYS A 257 -12.61 -9.26 9.59
N ILE A 258 -13.20 -8.19 9.03
CA ILE A 258 -14.10 -8.29 7.88
C ILE A 258 -13.40 -8.91 6.68
N MET A 259 -12.22 -8.41 6.37
CA MET A 259 -11.45 -8.92 5.24
C MET A 259 -10.99 -10.35 5.45
N THR A 260 -10.64 -10.72 6.69
CA THR A 260 -10.28 -12.11 7.01
C THR A 260 -11.44 -13.05 6.74
N HIS A 261 -12.65 -12.63 7.12
CA HIS A 261 -13.86 -13.43 6.93
C HIS A 261 -14.25 -13.55 5.47
N LEU A 262 -14.13 -12.46 4.71
CA LEU A 262 -14.45 -12.49 3.29
C LEU A 262 -13.54 -13.43 2.47
N MET A 263 -12.29 -13.65 2.91
CA MET A 263 -11.35 -14.51 2.15
C MET A 263 -11.77 -15.97 1.99
N ARG A 264 -12.71 -16.43 2.83
CA ARG A 264 -13.42 -17.69 2.62
C ARG A 264 -14.02 -17.82 1.20
N TYR A 265 -14.42 -16.69 0.62
CA TYR A 265 -15.01 -16.62 -0.72
C TYR A 265 -14.03 -16.19 -1.84
N PHE A 266 -12.74 -16.13 -1.51
CA PHE A 266 -11.69 -15.69 -2.44
C PHE A 266 -10.48 -16.64 -2.32
N PRO A 267 -10.65 -17.91 -2.71
CA PRO A 267 -9.52 -18.84 -2.69
C PRO A 267 -8.55 -18.60 -3.86
N GLY A 268 -7.32 -19.09 -3.69
CA GLY A 268 -6.26 -18.94 -4.71
C GLY A 268 -5.33 -17.75 -4.53
N ALA A 269 -5.31 -17.13 -3.34
CA ALA A 269 -4.42 -15.99 -3.06
C ALA A 269 -2.92 -16.36 -3.03
N ASP A 270 -2.62 -17.64 -2.82
CA ASP A 270 -1.23 -18.13 -2.80
C ASP A 270 -0.68 -18.52 -4.19
N GLU A 271 -1.46 -18.32 -5.26
CA GLU A 271 -0.96 -18.57 -6.62
C GLU A 271 -0.09 -17.41 -7.08
N PRO A 272 1.16 -17.69 -7.54
CA PRO A 272 2.04 -16.59 -7.95
C PRO A 272 1.61 -15.96 -9.26
N LEU A 273 1.93 -14.68 -9.44
CA LEU A 273 1.67 -13.99 -10.71
C LEU A 273 2.63 -14.55 -11.74
N GLN A 274 2.12 -15.22 -12.76
CA GLN A 274 2.97 -15.79 -13.82
C GLN A 274 2.43 -15.67 -15.24
N TYR A 275 1.23 -15.15 -15.41
CA TYR A 275 0.60 -15.04 -16.72
C TYR A 275 0.63 -13.59 -17.15
N PRO A 276 0.86 -13.32 -18.44
CA PRO A 276 0.83 -11.94 -18.92
C PRO A 276 -0.59 -11.48 -19.20
N CYS A 277 -0.76 -10.18 -19.39
CA CYS A 277 -2.08 -9.58 -19.56
C CYS A 277 -2.00 -8.54 -20.69
N GLN A 278 -2.89 -8.67 -21.68
CA GLN A 278 -2.98 -7.71 -22.78
C GLN A 278 -4.07 -6.70 -22.43
N HIS A 279 -3.69 -5.42 -22.45
CA HIS A 279 -4.45 -4.37 -21.75
C HIS A 279 -5.19 -3.34 -22.60
N SER A 280 -6.52 -3.46 -22.55
CA SER A 280 -7.42 -2.40 -22.97
C SER A 280 -8.57 -2.38 -21.95
N LEU A 281 -8.28 -1.82 -20.76
CA LEU A 281 -9.29 -1.64 -19.71
C LEU A 281 -10.29 -0.58 -20.21
N PRO A 282 -11.58 -0.97 -20.39
CA PRO A 282 -12.57 -0.15 -21.12
C PRO A 282 -12.92 1.18 -20.43
N PRO A 283 -12.36 2.32 -20.92
CA PRO A 283 -12.61 3.59 -20.23
C PRO A 283 -14.01 4.16 -20.47
N GLY A 284 -14.26 5.34 -19.92
CA GLY A 284 -15.53 6.04 -20.13
C GLY A 284 -16.70 5.46 -19.38
N GLU A 285 -17.89 5.57 -19.98
CA GLU A 285 -19.17 5.26 -19.32
C GLU A 285 -19.28 6.00 -17.99
N ASP A 286 -19.38 7.33 -18.08
CA ASP A 286 -19.35 8.23 -16.91
C ASP A 286 -20.34 7.80 -15.83
N GLY A 287 -19.94 8.00 -14.57
CA GLY A 287 -20.54 7.29 -13.45
C GLY A 287 -19.78 5.99 -13.29
N ARG A 288 -20.50 4.87 -13.23
CA ARG A 288 -19.93 3.57 -12.84
C ARG A 288 -18.83 3.02 -13.76
N VAL A 289 -17.84 2.32 -13.18
CA VAL A 289 -16.76 1.67 -13.94
C VAL A 289 -16.75 0.16 -13.76
N GLU A 290 -16.15 -0.53 -14.73
CA GLU A 290 -16.06 -1.99 -14.69
C GLU A 290 -14.88 -2.37 -13.83
N PRO A 291 -15.00 -3.44 -13.03
CA PRO A 291 -13.81 -3.92 -12.32
C PRO A 291 -12.83 -4.59 -13.28
N TYR A 292 -11.56 -4.66 -12.88
CA TYR A 292 -10.59 -5.48 -13.60
C TYR A 292 -10.81 -6.96 -13.21
N VAL A 293 -10.89 -7.22 -11.91
CA VAL A 293 -11.12 -8.58 -11.41
C VAL A 293 -12.57 -9.01 -11.60
N ASP A 294 -12.80 -10.32 -11.54
CA ASP A 294 -14.10 -10.96 -11.81
C ASP A 294 -14.67 -11.54 -10.51
N PHE A 295 -15.92 -11.21 -10.20
CA PHE A 295 -16.57 -11.62 -8.94
C PHE A 295 -17.50 -12.85 -9.04
N ALA A 296 -17.61 -13.45 -10.24
CA ALA A 296 -18.51 -14.59 -10.44
C ALA A 296 -18.26 -15.72 -9.43
N GLU A 297 -16.99 -16.06 -9.21
CA GLU A 297 -16.65 -17.11 -8.23
C GLU A 297 -17.04 -16.68 -6.81
N PHE A 298 -16.87 -15.40 -6.46
CA PHE A 298 -17.37 -14.89 -5.17
C PHE A 298 -18.85 -15.18 -4.98
N TYR A 299 -19.66 -14.73 -5.92
CA TYR A 299 -21.12 -14.89 -5.85
C TYR A 299 -21.56 -16.34 -5.78
N ARG A 300 -20.84 -17.22 -6.48
CA ARG A 300 -21.11 -18.65 -6.46
C ARG A 300 -20.86 -19.24 -5.08
N LEU A 301 -19.66 -18.99 -4.53
CA LEU A 301 -19.29 -19.50 -3.22
C LEU A 301 -20.15 -18.91 -2.11
N TRP A 302 -20.51 -17.64 -2.23
CA TRP A 302 -21.39 -16.98 -1.25
C TRP A 302 -22.73 -17.73 -1.18
N SER A 303 -23.33 -17.94 -2.36
CA SER A 303 -24.58 -18.69 -2.54
C SER A 303 -24.61 -20.09 -1.91
N VAL A 304 -23.50 -20.84 -2.01
CA VAL A 304 -23.39 -22.17 -1.40
C VAL A 304 -23.49 -22.11 0.12
N ASP A 305 -22.78 -21.16 0.73
CA ASP A 305 -22.85 -20.93 2.19
C ASP A 305 -24.21 -20.42 2.66
N HIS A 306 -24.83 -19.53 1.88
CA HIS A 306 -26.05 -18.82 2.30
C HIS A 306 -27.33 -19.38 1.66
N GLY A 307 -27.43 -19.24 0.34
CA GLY A 307 -28.60 -19.71 -0.43
C GLY A 307 -29.09 -18.67 -1.41
O1 1UO B . 12.86 -5.76 -13.22
C2 1UO B . 12.35 -5.10 -12.06
C4 1UO B . 12.84 -5.85 -10.81
C5 1UO B . 12.32 -5.15 -9.55
C6 1UO B . 12.81 -3.70 -9.53
C8 1UO B . 12.34 -2.97 -10.75
C9 1UO B . 12.87 -3.66 -12.02
N10 1UO B . 12.39 -3.06 -8.27
C11 1UO B . 12.86 -3.32 -7.04
C12 1UO B . 12.23 -2.50 -6.14
C13 1UO B . 11.30 -1.75 -6.90
N14 1UO B . 11.41 -2.07 -8.17
C15 1UO B . 12.43 -2.50 -4.65
C16 1UO B . 12.90 -3.68 -4.07
N17 1UO B . 13.08 -3.82 -2.77
C18 1UO B . 12.80 -2.87 -1.91
N19 1UO B . 13.00 -3.06 -0.54
C20 1UO B . 12.29 -1.66 -2.38
O21 1UO B . 11.92 -0.57 -1.70
C22 1UO B . 11.46 0.39 -2.50
C23 1UO B . 10.95 1.66 -1.94
C24 1UO B . 10.19 2.60 -2.65
C25 1UO B . 9.73 3.75 -2.03
C26 1UO B . 10.00 4.00 -0.69
C27 1UO B . 10.74 3.07 0.07
N28 1UO B . 11.11 3.07 1.36
N29 1UO B . 11.79 2.10 1.82
S30 1UO B . 12.05 1.04 0.70
C31 1UO B . 11.20 1.90 -0.57
C32 1UO B . 11.53 -0.05 -3.79
CL3 1UO B . 11.07 0.88 -5.17
C34 1UO B . 12.08 -1.42 -3.75
C1 EDO C . -1.14 -11.10 11.46
O1 EDO C . -1.78 -9.93 11.98
C2 EDO C . -0.30 -11.74 12.58
O2 EDO C . 0.44 -12.87 12.09
C1 EDO D . 5.17 -12.35 -15.52
O1 EDO D . 6.30 -13.06 -16.05
C2 EDO D . 3.99 -12.53 -16.47
O2 EDO D . 3.88 -11.45 -17.40
#